data_7O9R
#
_entry.id   7O9R
#
_cell.length_a   70.881
_cell.length_b   70.881
_cell.length_c   223.180
_cell.angle_alpha   90.000
_cell.angle_beta   90.000
_cell.angle_gamma   120.000
#
_symmetry.space_group_name_H-M   'H 3'
#
loop_
_entity.id
_entity.type
_entity.pdbx_description
1 polymer 'HpcH/HpaI aldolase'
2 non-polymer 'MAGNESIUM ION'
3 non-polymer 'POTASSIUM ION'
4 non-polymer 'BROMIDE ION'
5 non-polymer DI(HYDROXYETHYL)ETHER
6 water water
#
_entity_poly.entity_id   1
_entity_poly.type   'polypeptide(L)'
_entity_poly.pdbx_seq_one_letter_code
;HHNKVRTCWNEGRPALAGWLQLPGTLHAEALARLDYDAVVIDMQASPIDFGQVAPMLIAIELGGAEPFVRTQVNDPSDIM
KLLDAGAYGIIAPMVNTRAEAQTLASALHYSPRGLRSFGPRRPSLRYGSGYLAQASETVVGLAMIETREALANIDEILSV
DGIDGVFIGPTDLALDLGHAPLVDTEEAEVVSAIAHVRERAHAAGKRVGIFCGSGGFARVKLAEGFDFVTAAPDLAMLSA
AARQVIADARAL
;
_entity_poly.pdbx_strand_id   AAA,BBB
#
loop_
_chem_comp.id
_chem_comp.type
_chem_comp.name
_chem_comp.formula
BR non-polymer 'BROMIDE ION' 'Br -1'
K non-polymer 'POTASSIUM ION' 'K 1'
MG non-polymer 'MAGNESIUM ION' 'Mg 2'
PEG non-polymer DI(HYDROXYETHYL)ETHER 'C4 H10 O3'
#
# COMPACT_ATOMS: atom_id res chain seq x y z
N HIS A 2 10.93 15.27 21.30
CA HIS A 2 12.23 15.38 20.60
C HIS A 2 12.11 14.77 19.19
N ASN A 3 12.73 15.40 18.18
CA ASN A 3 12.85 14.83 16.81
C ASN A 3 13.63 13.52 16.91
N LYS A 4 13.02 12.35 16.67
CA LYS A 4 13.71 11.05 16.86
C LYS A 4 14.97 10.95 15.97
N VAL A 5 14.99 11.58 14.81
CA VAL A 5 16.21 11.51 13.95
C VAL A 5 17.31 12.31 14.62
N ARG A 6 16.98 13.50 15.11
CA ARG A 6 17.99 14.32 15.81
C ARG A 6 18.51 13.58 17.03
N THR A 7 17.65 12.79 17.71
CA THR A 7 17.99 11.95 18.88
C THR A 7 19.00 10.85 18.48
N CYS A 8 18.76 10.19 17.34
CA CYS A 8 19.73 9.23 16.75
C CYS A 8 21.11 9.89 16.63
N TRP A 9 21.17 11.03 15.95
CA TRP A 9 22.40 11.78 15.61
C TRP A 9 23.12 12.19 16.89
N ASN A 10 22.37 12.71 17.87
CA ASN A 10 22.94 13.23 19.15
C ASN A 10 23.50 12.04 19.94
N GLU A 11 22.93 10.85 19.81
CA GLU A 11 23.41 9.61 20.48
C GLU A 11 24.38 8.84 19.59
N GLY A 12 24.82 9.44 18.48
CA GLY A 12 25.90 8.91 17.61
C GLY A 12 25.48 7.72 16.77
N ARG A 13 24.21 7.63 16.37
CA ARG A 13 23.82 6.57 15.40
C ARG A 13 23.09 7.22 14.23
N PRO A 14 23.11 6.54 13.06
CA PRO A 14 22.33 6.95 11.90
C PRO A 14 20.84 6.67 12.12
N ALA A 15 19.99 7.25 11.28
CA ALA A 15 18.54 6.99 11.22
C ALA A 15 18.27 6.13 9.99
N LEU A 16 17.42 5.11 10.12
CA LEU A 16 16.87 4.35 8.99
C LEU A 16 15.41 4.79 8.80
N ALA A 17 15.04 5.14 7.57
CA ALA A 17 13.70 5.69 7.27
C ALA A 17 13.00 4.87 6.18
N GLY A 18 11.68 4.75 6.34
CA GLY A 18 10.74 4.31 5.29
C GLY A 18 10.49 5.42 4.30
N TRP A 19 9.79 5.05 3.22
CA TRP A 19 9.56 5.90 2.04
C TRP A 19 8.20 5.50 1.45
N LEU A 20 7.24 6.42 1.48
CA LEU A 20 5.82 6.16 1.08
C LEU A 20 5.48 6.95 -0.18
N GLN A 21 5.06 6.23 -1.20
CA GLN A 21 4.47 6.79 -2.43
C GLN A 21 2.97 6.50 -2.47
N LEU A 22 2.47 5.61 -1.61
CA LEU A 22 1.03 5.26 -1.60
C LEU A 22 0.33 6.14 -0.56
N PRO A 23 -0.77 6.83 -0.90
CA PRO A 23 -1.52 7.62 0.07
C PRO A 23 -2.29 6.72 1.04
N GLY A 24 -2.58 7.27 2.22
CA GLY A 24 -3.45 6.62 3.22
C GLY A 24 -2.73 6.38 4.56
N THR A 25 -3.51 6.14 5.61
CA THR A 25 -3.01 6.14 7.01
C THR A 25 -2.66 4.73 7.48
N LEU A 26 -3.24 3.68 6.89
CA LEU A 26 -3.16 2.31 7.47
C LEU A 26 -1.73 1.77 7.36
N HIS A 27 -1.13 1.83 6.17
CA HIS A 27 0.27 1.38 5.94
C HIS A 27 1.25 2.36 6.59
N ALA A 28 0.96 3.66 6.61
CA ALA A 28 1.85 4.68 7.20
C ALA A 28 2.05 4.40 8.69
N GLU A 29 0.96 4.13 9.42
CA GLU A 29 1.03 3.71 10.84
C GLU A 29 1.73 2.35 10.96
N ALA A 30 1.41 1.38 10.11
CA ALA A 30 1.98 0.02 10.22
C ALA A 30 3.52 0.10 10.08
N LEU A 31 4.00 0.82 9.07
CA LEU A 31 5.45 0.93 8.79
C LEU A 31 6.12 1.77 9.88
N ALA A 32 5.48 2.84 10.35
CA ALA A 32 6.06 3.67 11.44
C ALA A 32 6.26 2.83 12.71
N ARG A 33 5.44 1.80 12.94
CA ARG A 33 5.51 0.95 14.16
C ARG A 33 6.67 -0.05 14.04
N LEU A 34 7.19 -0.29 12.84
CA LEU A 34 8.39 -1.15 12.65
C LEU A 34 9.63 -0.38 13.12
N ASP A 35 10.82 -0.99 13.04
CA ASP A 35 12.10 -0.40 13.50
C ASP A 35 12.62 0.60 12.45
N TYR A 36 11.78 1.56 12.05
CA TYR A 36 12.15 2.78 11.31
C TYR A 36 12.22 3.93 12.31
N ASP A 37 13.24 4.78 12.24
CA ASP A 37 13.36 6.01 13.04
C ASP A 37 12.45 7.10 12.46
N ALA A 38 12.25 7.08 11.15
CA ALA A 38 11.49 8.11 10.40
C ALA A 38 10.73 7.39 9.29
N VAL A 39 9.70 8.02 8.78
CA VAL A 39 9.00 7.57 7.54
C VAL A 39 8.86 8.80 6.66
N VAL A 40 9.40 8.75 5.43
CA VAL A 40 9.34 9.89 4.47
C VAL A 40 8.07 9.70 3.62
N ILE A 41 7.24 10.72 3.56
CA ILE A 41 6.12 10.76 2.58
C ILE A 41 6.64 11.50 1.35
N ASP A 42 6.63 10.82 0.21
CA ASP A 42 7.04 11.37 -1.11
C ASP A 42 5.86 12.10 -1.74
N MET A 43 5.92 13.43 -1.84
CA MET A 43 4.87 14.25 -2.50
C MET A 43 5.34 14.61 -3.92
N GLN A 44 6.43 14.04 -4.39
CA GLN A 44 6.95 14.35 -5.76
C GLN A 44 6.60 13.20 -6.70
N ALA A 45 7.28 12.05 -6.55
CA ALA A 45 7.18 10.87 -7.46
C ALA A 45 6.01 9.99 -7.03
N SER A 46 4.81 10.60 -6.92
CA SER A 46 3.60 10.01 -6.29
C SER A 46 2.34 10.81 -6.60
N PRO A 47 1.14 10.22 -6.36
CA PRO A 47 -0.11 10.97 -6.37
C PRO A 47 -0.55 11.52 -5.01
N ILE A 48 0.37 11.63 -4.04
CA ILE A 48 0.06 12.18 -2.69
C ILE A 48 0.04 13.72 -2.79
N ASP A 49 -1.14 14.31 -2.58
CA ASP A 49 -1.36 15.77 -2.55
C ASP A 49 -1.50 16.20 -1.08
N PHE A 50 -1.74 17.49 -0.86
CA PHE A 50 -1.69 18.05 0.50
C PHE A 50 -2.76 17.39 1.38
N GLY A 51 -4.01 17.28 0.89
CA GLY A 51 -5.14 16.67 1.63
C GLY A 51 -4.83 15.29 2.20
N GLN A 52 -4.06 14.50 1.45
CA GLN A 52 -3.74 13.09 1.81
C GLN A 52 -2.56 13.05 2.78
N VAL A 53 -1.62 13.99 2.68
CA VAL A 53 -0.38 13.98 3.52
C VAL A 53 -0.76 14.28 4.97
N ALA A 54 -1.69 15.20 5.21
CA ALA A 54 -1.97 15.72 6.55
C ALA A 54 -2.32 14.61 7.54
N PRO A 55 -3.29 13.70 7.28
CA PRO A 55 -3.54 12.57 8.19
C PRO A 55 -2.43 11.51 8.22
N MET A 56 -1.66 11.38 7.15
CA MET A 56 -0.51 10.44 7.08
C MET A 56 0.57 10.86 8.09
N LEU A 57 0.80 12.17 8.23
CA LEU A 57 1.76 12.71 9.22
C LEU A 57 1.31 12.26 10.62
N ILE A 58 0.02 12.39 10.93
CA ILE A 58 -0.58 11.98 12.24
C ILE A 58 -0.35 10.49 12.47
N ALA A 59 -0.61 9.67 11.45
CA ALA A 59 -0.49 8.19 11.50
C ALA A 59 0.95 7.79 11.79
N ILE A 60 1.90 8.46 11.14
CA ILE A 60 3.35 8.15 11.32
C ILE A 60 3.72 8.50 12.76
N GLU A 61 3.30 9.66 13.25
CA GLU A 61 3.69 10.10 14.60
C GLU A 61 3.08 9.12 15.61
N LEU A 62 1.81 8.75 15.45
CA LEU A 62 1.16 7.80 16.39
C LEU A 62 1.91 6.46 16.35
N GLY A 63 2.35 6.00 15.19
CA GLY A 63 3.08 4.71 15.06
C GLY A 63 4.47 4.71 15.68
N GLY A 64 5.05 5.88 15.97
CA GLY A 64 6.32 5.99 16.69
C GLY A 64 7.50 6.13 15.73
N ALA A 65 7.31 6.85 14.63
CA ALA A 65 8.43 7.31 13.78
C ALA A 65 8.31 8.81 13.57
N GLU A 66 9.43 9.47 13.27
CA GLU A 66 9.44 10.91 12.94
C GLU A 66 8.90 11.12 11.52
N PRO A 67 7.80 11.89 11.36
CA PRO A 67 7.25 12.16 10.03
C PRO A 67 8.10 13.16 9.23
N PHE A 68 8.55 12.72 8.05
CA PHE A 68 9.36 13.48 7.07
C PHE A 68 8.56 13.59 5.78
N VAL A 69 8.82 14.63 4.99
CA VAL A 69 8.21 14.83 3.65
C VAL A 69 9.32 15.18 2.67
N ARG A 70 9.37 14.44 1.56
CA ARG A 70 10.11 14.88 0.36
C ARG A 70 9.10 15.68 -0.46
N THR A 71 9.31 16.99 -0.52
CA THR A 71 8.35 17.96 -1.11
C THR A 71 8.36 17.81 -2.64
N GLN A 72 7.27 18.21 -3.26
CA GLN A 72 7.18 18.26 -4.72
C GLN A 72 8.30 19.18 -5.26
N VAL A 73 8.57 20.26 -4.53
CA VAL A 73 9.47 21.34 -5.03
C VAL A 73 10.03 22.12 -3.84
N ASN A 74 11.18 22.76 -4.04
CA ASN A 74 11.85 23.60 -3.02
C ASN A 74 11.16 24.98 -3.02
N ASP A 75 9.96 25.02 -2.46
CA ASP A 75 9.09 26.22 -2.42
C ASP A 75 8.82 26.54 -0.96
N PRO A 76 9.21 27.73 -0.48
CA PRO A 76 9.05 28.09 0.93
C PRO A 76 7.62 27.94 1.46
N SER A 77 6.60 28.45 0.77
CA SER A 77 5.21 28.42 1.30
C SER A 77 4.70 26.98 1.39
N ASP A 78 5.03 26.09 0.45
CA ASP A 78 4.66 24.65 0.54
C ASP A 78 5.31 24.06 1.79
N ILE A 79 6.59 24.31 1.95
CA ILE A 79 7.38 23.75 3.07
C ILE A 79 6.75 24.23 4.38
N MET A 80 6.44 25.51 4.48
CA MET A 80 5.92 26.08 5.75
C MET A 80 4.57 25.41 6.10
N LYS A 81 3.69 25.18 5.12
CA LYS A 81 2.36 24.58 5.38
C LYS A 81 2.55 23.16 5.91
N LEU A 82 3.55 22.42 5.39
CA LEU A 82 3.87 21.06 5.85
C LEU A 82 4.42 21.09 7.27
N LEU A 83 5.31 22.04 7.57
CA LEU A 83 5.83 22.19 8.98
C LEU A 83 4.63 22.42 9.92
N ASP A 84 3.64 23.22 9.53
CA ASP A 84 2.50 23.59 10.42
C ASP A 84 1.53 22.40 10.54
N ALA A 85 1.63 21.43 9.62
CA ALA A 85 0.83 20.18 9.61
C ALA A 85 1.55 19.06 10.39
N GLY A 86 2.76 19.32 10.89
CA GLY A 86 3.52 18.34 11.68
C GLY A 86 4.46 17.49 10.84
N ALA A 87 4.95 18.02 9.73
CA ALA A 87 6.20 17.54 9.11
C ALA A 87 7.38 18.00 9.98
N TYR A 88 8.15 17.06 10.54
CA TYR A 88 9.36 17.36 11.36
C TYR A 88 10.64 17.07 10.58
N GLY A 89 10.53 16.69 9.31
CA GLY A 89 11.71 16.58 8.44
C GLY A 89 11.31 16.95 7.04
N ILE A 90 12.16 17.73 6.34
CA ILE A 90 11.92 18.19 4.95
C ILE A 90 13.12 17.79 4.10
N ILE A 91 12.83 17.10 3.01
CA ILE A 91 13.81 16.75 1.96
C ILE A 91 13.36 17.51 0.71
N ALA A 92 14.12 18.51 0.27
CA ALA A 92 13.73 19.43 -0.81
C ALA A 92 14.43 18.99 -2.08
N PRO A 93 13.69 18.68 -3.15
CA PRO A 93 14.28 18.17 -4.38
C PRO A 93 15.01 19.26 -5.17
N MET A 94 15.95 18.83 -6.01
CA MET A 94 16.57 19.70 -7.06
CA MET A 94 16.56 19.70 -7.06
C MET A 94 17.12 20.98 -6.42
N VAL A 95 17.86 20.84 -5.32
CA VAL A 95 18.63 21.97 -4.74
C VAL A 95 20.01 21.98 -5.42
N ASN A 96 20.27 22.96 -6.27
CA ASN A 96 21.38 22.88 -7.24
C ASN A 96 22.41 23.97 -7.01
N THR A 97 22.09 25.00 -6.22
CA THR A 97 22.93 26.21 -6.03
C THR A 97 22.89 26.61 -4.56
N ARG A 98 23.82 27.48 -4.14
CA ARG A 98 23.83 28.10 -2.80
C ARG A 98 22.50 28.83 -2.59
N ALA A 99 22.04 29.60 -3.59
CA ALA A 99 20.80 30.42 -3.50
C ALA A 99 19.62 29.50 -3.18
N GLU A 100 19.47 28.40 -3.91
CA GLU A 100 18.35 27.43 -3.69
C GLU A 100 18.43 26.83 -2.28
N ALA A 101 19.64 26.55 -1.75
CA ALA A 101 19.81 26.04 -0.38
C ALA A 101 19.41 27.09 0.67
N GLN A 102 19.72 28.36 0.42
CA GLN A 102 19.27 29.52 1.24
C GLN A 102 17.74 29.62 1.24
N THR A 103 17.09 29.50 0.08
CA THR A 103 15.62 29.42 -0.08
C THR A 103 15.05 28.32 0.84
N LEU A 104 15.64 27.11 0.83
CA LEU A 104 15.25 26.01 1.74
C LEU A 104 15.43 26.45 3.18
N ALA A 105 16.63 26.90 3.54
CA ALA A 105 16.96 27.34 4.92
C ALA A 105 15.96 28.41 5.38
N SER A 106 15.60 29.34 4.50
CA SER A 106 14.67 30.47 4.80
C SER A 106 13.32 29.92 5.34
N ALA A 107 12.84 28.82 4.75
CA ALA A 107 11.53 28.22 5.08
C ALA A 107 11.52 27.53 6.44
N LEU A 108 12.67 27.08 6.93
CA LEU A 108 12.77 26.11 8.05
C LEU A 108 12.90 26.85 9.37
N HIS A 109 13.19 28.16 9.36
CA HIS A 109 13.49 28.93 10.59
C HIS A 109 12.64 30.18 10.68
N TYR A 110 12.17 30.49 11.87
CA TYR A 110 11.50 31.78 12.17
C TYR A 110 12.53 32.90 12.10
N SER A 111 12.07 34.13 11.83
CA SER A 111 12.90 35.35 11.93
C SER A 111 13.52 35.36 13.33
N PRO A 112 14.77 35.82 13.52
CA PRO A 112 15.58 36.44 12.46
C PRO A 112 16.39 35.45 11.59
N ARG A 113 16.34 34.16 11.91
CA ARG A 113 17.17 33.10 11.27
CA ARG A 113 17.19 33.14 11.25
C ARG A 113 16.64 32.87 9.85
N GLY A 114 15.32 32.84 9.69
CA GLY A 114 14.65 32.65 8.39
C GLY A 114 13.44 33.53 8.29
N LEU A 115 12.46 33.17 7.47
CA LEU A 115 11.25 34.00 7.24
C LEU A 115 10.01 33.10 7.38
N ARG A 116 10.15 31.97 8.08
CA ARG A 116 9.02 31.05 8.30
C ARG A 116 7.86 31.83 8.91
N SER A 117 6.69 31.81 8.26
CA SER A 117 5.45 32.41 8.79
C SER A 117 5.06 31.71 10.11
N PHE A 118 4.57 32.44 11.11
CA PHE A 118 4.20 31.85 12.44
C PHE A 118 2.72 31.47 12.47
N GLY A 119 2.44 30.16 12.52
CA GLY A 119 1.08 29.62 12.72
C GLY A 119 1.15 28.12 12.94
N PRO A 120 1.88 27.69 14.00
CA PRO A 120 2.29 26.29 14.12
C PRO A 120 1.18 25.40 14.68
N ARG A 121 0.13 25.21 13.87
CA ARG A 121 -1.12 24.48 14.23
C ARG A 121 -0.76 23.18 14.98
N ARG A 122 -0.01 22.26 14.35
CA ARG A 122 0.24 20.91 14.97
C ARG A 122 1.50 20.88 15.84
N PRO A 123 2.64 21.49 15.47
CA PRO A 123 3.80 21.53 16.37
C PRO A 123 3.51 22.12 17.77
N SER A 124 2.60 23.09 17.87
CA SER A 124 2.30 23.78 19.16
C SER A 124 1.54 22.80 20.05
N LEU A 125 0.75 21.89 19.45
CA LEU A 125 0.06 20.79 20.18
C LEU A 125 1.09 19.76 20.67
N ARG A 126 2.14 19.47 19.88
CA ARG A 126 3.18 18.49 20.28
C ARG A 126 4.10 19.12 21.32
N TYR A 127 4.56 20.36 21.10
CA TYR A 127 5.68 20.98 21.84
C TYR A 127 5.16 22.00 22.88
N GLY A 128 3.91 22.46 22.75
CA GLY A 128 3.29 23.41 23.70
C GLY A 128 3.75 24.83 23.44
N SER A 129 3.58 25.72 24.41
CA SER A 129 3.74 27.19 24.23
C SER A 129 5.22 27.59 24.15
N GLY A 130 6.15 26.74 24.61
CA GLY A 130 7.61 26.95 24.46
C GLY A 130 8.14 26.55 23.09
N TYR A 131 7.28 26.27 22.11
CA TYR A 131 7.70 25.75 20.79
C TYR A 131 8.68 26.71 20.11
N LEU A 132 8.35 28.02 20.07
CA LEU A 132 9.17 29.02 19.32
C LEU A 132 10.65 28.86 19.65
N ALA A 133 11.02 28.86 20.94
CA ALA A 133 12.42 28.84 21.45
C ALA A 133 13.20 27.65 20.89
N GLN A 134 12.55 26.51 20.67
CA GLN A 134 13.22 25.24 20.26
C GLN A 134 12.83 24.83 18.82
N ALA A 135 12.02 25.64 18.15
CA ALA A 135 11.43 25.34 16.83
C ALA A 135 12.46 24.77 15.85
N SER A 136 13.60 25.44 15.68
CA SER A 136 14.60 25.09 14.64
C SER A 136 15.08 23.65 14.89
N GLU A 137 15.23 23.24 16.15
CA GLU A 137 15.81 21.91 16.49
C GLU A 137 14.75 20.82 16.30
N THR A 138 13.46 21.18 16.28
CA THR A 138 12.35 20.19 16.12
C THR A 138 12.31 19.68 14.69
N VAL A 139 12.95 20.37 13.74
CA VAL A 139 12.85 20.04 12.28
C VAL A 139 14.23 19.72 11.73
N VAL A 140 14.29 18.74 10.85
CA VAL A 140 15.54 18.37 10.12
C VAL A 140 15.32 18.77 8.68
N GLY A 141 16.24 19.54 8.10
CA GLY A 141 16.21 20.02 6.70
C GLY A 141 17.35 19.45 5.87
N LEU A 142 17.04 18.72 4.80
CA LEU A 142 18.04 18.16 3.88
C LEU A 142 17.79 18.68 2.46
N ALA A 143 18.83 19.22 1.83
CA ALA A 143 18.85 19.63 0.41
C ALA A 143 19.14 18.39 -0.42
N MET A 144 18.31 18.10 -1.41
CA MET A 144 18.53 16.94 -2.30
C MET A 144 19.60 17.29 -3.32
N ILE A 145 20.56 16.37 -3.48
CA ILE A 145 21.62 16.42 -4.51
C ILE A 145 21.27 15.37 -5.57
N GLU A 146 20.82 15.79 -6.75
CA GLU A 146 20.39 14.82 -7.80
C GLU A 146 20.74 15.28 -9.21
N THR A 147 21.67 16.21 -9.37
CA THR A 147 22.09 16.76 -10.67
C THR A 147 23.60 16.99 -10.65
N ARG A 148 24.20 17.05 -11.83
CA ARG A 148 25.63 17.43 -12.02
C ARG A 148 25.88 18.81 -11.42
N GLU A 149 24.96 19.74 -11.65
CA GLU A 149 25.05 21.12 -11.11
C GLU A 149 25.17 21.07 -9.58
N ALA A 150 24.31 20.30 -8.90
CA ALA A 150 24.33 20.16 -7.43
C ALA A 150 25.67 19.56 -7.03
N LEU A 151 26.14 18.57 -7.79
CA LEU A 151 27.42 17.93 -7.50
C LEU A 151 28.53 18.99 -7.62
N ALA A 152 28.52 19.81 -8.67
CA ALA A 152 29.52 20.89 -8.90
C ALA A 152 29.46 21.95 -7.78
N ASN A 153 28.29 22.16 -7.17
CA ASN A 153 28.05 23.27 -6.21
C ASN A 153 27.97 22.74 -4.77
N ILE A 154 28.44 21.51 -4.54
CA ILE A 154 28.21 20.82 -3.24
C ILE A 154 28.79 21.63 -2.07
N ASP A 155 30.00 22.18 -2.15
CA ASP A 155 30.57 22.91 -0.97
C ASP A 155 29.79 24.20 -0.72
N GLU A 156 29.29 24.85 -1.77
CA GLU A 156 28.54 26.12 -1.68
C GLU A 156 27.18 25.81 -1.03
N ILE A 157 26.51 24.75 -1.47
CA ILE A 157 25.29 24.21 -0.81
C ILE A 157 25.56 23.88 0.67
N LEU A 158 26.63 23.15 0.96
CA LEU A 158 26.98 22.70 2.33
C LEU A 158 27.34 23.88 3.24
N SER A 159 27.69 25.04 2.67
CA SER A 159 28.11 26.26 3.41
C SER A 159 26.89 26.92 4.09
N VAL A 160 25.65 26.64 3.64
CA VAL A 160 24.43 27.36 4.10
C VAL A 160 24.08 26.89 5.52
N ASP A 161 23.94 27.82 6.46
CA ASP A 161 23.95 27.52 7.90
C ASP A 161 22.70 26.74 8.34
N GLY A 162 21.52 27.11 7.85
CA GLY A 162 20.24 26.62 8.39
C GLY A 162 19.74 25.31 7.76
N ILE A 163 20.58 24.56 7.05
CA ILE A 163 20.23 23.19 6.58
C ILE A 163 21.08 22.19 7.35
N ASP A 164 20.51 21.03 7.70
CA ASP A 164 21.24 19.96 8.44
C ASP A 164 22.26 19.30 7.51
N GLY A 165 21.98 19.26 6.21
CA GLY A 165 22.87 18.66 5.21
C GLY A 165 22.11 18.34 3.95
N VAL A 166 22.47 17.23 3.34
CA VAL A 166 22.11 16.91 1.94
C VAL A 166 21.58 15.48 1.91
N PHE A 167 20.71 15.20 0.95
CA PHE A 167 20.10 13.87 0.72
C PHE A 167 20.30 13.54 -0.76
N ILE A 168 21.07 12.47 -1.02
CA ILE A 168 21.39 12.08 -2.43
C ILE A 168 20.19 11.35 -3.02
N GLY A 169 19.73 11.82 -4.18
CA GLY A 169 18.81 11.10 -5.05
C GLY A 169 19.62 10.44 -6.15
N PRO A 170 20.06 9.19 -5.95
CA PRO A 170 21.09 8.62 -6.81
C PRO A 170 20.56 8.14 -8.18
N THR A 171 19.25 7.91 -8.32
CA THR A 171 18.65 7.48 -9.62
CA THR A 171 18.62 7.50 -9.62
C THR A 171 18.64 8.69 -10.55
N ASP A 172 18.15 9.84 -10.05
CA ASP A 172 18.18 11.11 -10.79
C ASP A 172 19.65 11.51 -11.04
N LEU A 173 20.52 11.34 -10.05
CA LEU A 173 21.93 11.73 -10.21
C LEU A 173 22.57 10.88 -11.31
N ALA A 174 22.27 9.57 -11.33
CA ALA A 174 22.82 8.61 -12.30
C ALA A 174 22.40 9.08 -13.70
N LEU A 175 21.11 9.34 -13.86
CA LEU A 175 20.50 9.79 -15.14
C LEU A 175 21.20 11.09 -15.58
N ASP A 176 21.38 12.06 -14.69
CA ASP A 176 21.93 13.39 -15.07
C ASP A 176 23.41 13.25 -15.45
N LEU A 177 24.12 12.26 -14.89
CA LEU A 177 25.54 11.97 -15.21
C LEU A 177 25.62 11.19 -16.54
N GLY A 178 24.49 10.78 -17.12
CA GLY A 178 24.44 10.09 -18.43
C GLY A 178 24.48 8.58 -18.28
N HIS A 179 24.04 8.04 -17.14
CA HIS A 179 23.99 6.58 -16.87
C HIS A 179 22.55 6.12 -16.70
N ALA A 180 22.35 4.82 -16.59
CA ALA A 180 21.04 4.18 -16.36
C ALA A 180 20.45 4.65 -15.04
N PRO A 181 19.17 5.09 -15.01
CA PRO A 181 18.52 5.48 -13.76
C PRO A 181 18.05 4.21 -13.05
N LEU A 182 19.01 3.49 -12.46
CA LEU A 182 18.81 2.25 -11.69
C LEU A 182 19.08 2.63 -10.25
N VAL A 183 18.22 2.21 -9.33
CA VAL A 183 18.44 2.42 -7.87
C VAL A 183 19.60 1.50 -7.48
N ASP A 184 20.35 1.87 -6.43
CA ASP A 184 21.37 0.98 -5.82
C ASP A 184 22.39 0.60 -6.91
N THR A 185 22.84 1.57 -7.70
CA THR A 185 23.68 1.31 -8.89
C THR A 185 25.12 0.96 -8.50
N GLU A 186 25.77 0.15 -9.35
CA GLU A 186 27.22 -0.17 -9.23
C GLU A 186 28.04 0.73 -10.16
N GLU A 187 27.40 1.56 -11.00
CA GLU A 187 28.09 2.38 -12.04
C GLU A 187 29.18 3.24 -11.37
N ALA A 188 30.43 3.06 -11.79
CA ALA A 188 31.62 3.51 -11.03
C ALA A 188 31.59 5.02 -10.81
N GLU A 189 31.20 5.77 -11.83
CA GLU A 189 31.19 7.25 -11.78
C GLU A 189 30.13 7.71 -10.76
N VAL A 190 28.95 7.06 -10.76
CA VAL A 190 27.85 7.36 -9.81
C VAL A 190 28.29 7.03 -8.38
N VAL A 191 28.86 5.85 -8.16
CA VAL A 191 29.36 5.43 -6.82
C VAL A 191 30.39 6.45 -6.32
N SER A 192 31.33 6.87 -7.18
CA SER A 192 32.40 7.86 -6.88
CA SER A 192 32.40 7.84 -6.85
C SER A 192 31.77 9.19 -6.46
N ALA A 193 30.79 9.67 -7.22
CA ALA A 193 30.06 10.93 -6.93
C ALA A 193 29.37 10.85 -5.56
N ILE A 194 28.71 9.73 -5.29
CA ILE A 194 27.98 9.51 -4.02
C ILE A 194 29.01 9.59 -2.88
N ALA A 195 30.12 8.88 -2.99
CA ALA A 195 31.19 8.89 -1.96
C ALA A 195 31.70 10.33 -1.77
N HIS A 196 31.97 11.05 -2.87
CA HIS A 196 32.45 12.47 -2.89
C HIS A 196 31.48 13.36 -2.09
N VAL A 197 30.19 13.28 -2.40
CA VAL A 197 29.18 14.10 -1.66
C VAL A 197 29.25 13.79 -0.16
N ARG A 198 29.30 12.50 0.21
CA ARG A 198 29.32 12.06 1.63
C ARG A 198 30.57 12.64 2.32
N GLU A 199 31.72 12.58 1.66
CA GLU A 199 33.00 13.07 2.24
C GLU A 199 32.91 14.58 2.43
N ARG A 200 32.41 15.30 1.44
CA ARG A 200 32.33 16.78 1.48
C ARG A 200 31.36 17.18 2.60
N ALA A 201 30.21 16.52 2.73
CA ALA A 201 29.22 16.79 3.77
C ALA A 201 29.87 16.65 5.15
N HIS A 202 30.51 15.51 5.38
CA HIS A 202 31.14 15.18 6.68
C HIS A 202 32.30 16.15 6.96
N ALA A 203 33.08 16.54 5.96
CA ALA A 203 34.16 17.55 6.13
C ALA A 203 33.57 18.89 6.59
N ALA A 204 32.39 19.25 6.08
CA ALA A 204 31.72 20.53 6.41
C ALA A 204 30.89 20.40 7.69
N GLY A 205 30.99 19.27 8.39
CA GLY A 205 30.31 19.08 9.68
C GLY A 205 28.81 18.95 9.53
N LYS A 206 28.33 18.49 8.36
CA LYS A 206 26.89 18.35 8.02
C LYS A 206 26.51 16.88 7.86
N ARG A 207 25.21 16.60 7.74
CA ARG A 207 24.67 15.22 7.65
C ARG A 207 24.48 14.91 6.18
N VAL A 208 24.52 13.62 5.83
CA VAL A 208 24.26 13.16 4.44
C VAL A 208 23.34 11.96 4.52
N GLY A 209 22.30 11.98 3.68
CA GLY A 209 21.39 10.84 3.53
C GLY A 209 21.44 10.33 2.11
N ILE A 210 20.79 9.19 1.89
CA ILE A 210 20.68 8.58 0.55
C ILE A 210 19.46 7.68 0.51
N PHE A 211 18.81 7.72 -0.65
CA PHE A 211 17.65 6.90 -1.04
C PHE A 211 18.16 5.53 -1.54
N CYS A 212 17.65 4.44 -0.96
CA CYS A 212 18.00 3.05 -1.29
C CYS A 212 16.76 2.24 -1.71
N GLY A 213 16.96 1.20 -2.53
CA GLY A 213 15.90 0.34 -3.07
C GLY A 213 15.92 -1.04 -2.44
N SER A 214 16.83 -1.30 -1.50
CA SER A 214 16.97 -2.65 -0.92
C SER A 214 17.60 -2.54 0.46
N GLY A 215 17.29 -3.52 1.32
CA GLY A 215 17.93 -3.63 2.65
C GLY A 215 19.43 -3.85 2.54
N GLY A 216 19.87 -4.67 1.58
CA GLY A 216 21.28 -5.02 1.38
C GLY A 216 22.10 -3.78 1.02
N PHE A 217 21.57 -2.91 0.17
CA PHE A 217 22.27 -1.66 -0.21
C PHE A 217 22.27 -0.71 0.99
N ALA A 218 21.14 -0.61 1.69
CA ALA A 218 21.00 0.24 2.91
C ALA A 218 22.05 -0.16 3.94
N ARG A 219 22.27 -1.45 4.14
CA ARG A 219 23.27 -1.96 5.13
C ARG A 219 24.65 -1.39 4.78
N VAL A 220 25.05 -1.47 3.52
CA VAL A 220 26.34 -0.91 3.04
C VAL A 220 26.37 0.60 3.29
N LYS A 221 25.33 1.34 2.90
CA LYS A 221 25.34 2.80 3.10
C LYS A 221 25.53 3.12 4.60
N LEU A 222 24.84 2.40 5.48
CA LEU A 222 24.93 2.60 6.96
C LEU A 222 26.38 2.31 7.38
N ALA A 223 26.99 1.26 6.83
CA ALA A 223 28.41 0.92 7.10
C ALA A 223 29.33 2.04 6.59
N GLU A 224 29.00 2.71 5.49
CA GLU A 224 29.89 3.75 4.88
C GLU A 224 29.75 5.06 5.65
N GLY A 225 28.79 5.14 6.56
CA GLY A 225 28.65 6.28 7.50
C GLY A 225 27.59 7.26 7.06
N PHE A 226 26.62 6.88 6.22
CA PHE A 226 25.47 7.78 5.91
C PHE A 226 24.67 8.00 7.20
N ASP A 227 24.26 9.24 7.47
CA ASP A 227 23.50 9.64 8.68
C ASP A 227 22.00 9.31 8.56
N PHE A 228 21.47 9.26 7.35
CA PHE A 228 20.00 9.13 7.12
C PHE A 228 19.81 8.27 5.89
N VAL A 229 19.31 7.06 6.08
CA VAL A 229 19.21 6.06 4.97
C VAL A 229 17.75 5.64 4.81
N THR A 230 17.18 5.73 3.60
CA THR A 230 15.79 5.31 3.30
C THR A 230 15.82 3.98 2.55
N ALA A 231 15.01 3.02 3.01
CA ALA A 231 14.78 1.71 2.35
C ALA A 231 13.43 1.16 2.79
N ALA A 232 12.54 0.77 1.86
CA ALA A 232 12.55 1.06 0.43
C ALA A 232 11.14 1.51 0.09
N PRO A 233 10.83 2.08 -1.09
CA PRO A 233 9.49 2.61 -1.34
C PRO A 233 8.40 1.55 -1.13
N ASP A 234 7.33 1.90 -0.44
CA ASP A 234 6.15 1.02 -0.19
C ASP A 234 5.69 0.36 -1.51
N LEU A 235 5.51 1.11 -2.58
CA LEU A 235 4.97 0.55 -3.86
C LEU A 235 5.95 -0.51 -4.41
N ALA A 236 7.26 -0.24 -4.41
CA ALA A 236 8.31 -1.18 -4.88
C ALA A 236 8.26 -2.45 -4.02
N MET A 237 8.18 -2.31 -2.70
CA MET A 237 8.22 -3.45 -1.77
C MET A 237 6.93 -4.27 -1.93
N LEU A 238 5.78 -3.59 -2.05
CA LEU A 238 4.48 -4.27 -2.22
C LEU A 238 4.48 -5.03 -3.54
N SER A 239 4.88 -4.38 -4.63
CA SER A 239 4.93 -5.01 -5.99
C SER A 239 5.81 -6.26 -5.95
N ALA A 240 7.03 -6.16 -5.40
CA ALA A 240 7.98 -7.30 -5.30
C ALA A 240 7.34 -8.41 -4.47
N ALA A 241 6.72 -8.10 -3.34
CA ALA A 241 6.08 -9.07 -2.42
C ALA A 241 4.93 -9.79 -3.15
N ALA A 242 4.06 -9.05 -3.87
CA ALA A 242 2.93 -9.64 -4.64
C ALA A 242 3.48 -10.59 -5.72
N ARG A 243 4.52 -10.18 -6.45
CA ARG A 243 5.16 -11.04 -7.50
C ARG A 243 5.62 -12.36 -6.87
N GLN A 244 6.26 -12.31 -5.71
CA GLN A 244 6.78 -13.49 -4.98
C GLN A 244 5.61 -14.38 -4.50
N VAL A 245 4.54 -13.80 -3.97
CA VAL A 245 3.33 -14.57 -3.52
C VAL A 245 2.71 -15.28 -4.72
N ILE A 246 2.60 -14.61 -5.86
CA ILE A 246 2.00 -15.21 -7.09
C ILE A 246 2.87 -16.38 -7.58
N ALA A 247 4.19 -16.21 -7.58
CA ALA A 247 5.17 -17.25 -7.95
C ALA A 247 5.04 -18.48 -7.04
N ASP A 248 4.95 -18.27 -5.72
CA ASP A 248 4.72 -19.32 -4.70
C ASP A 248 3.35 -20.02 -4.96
N ALA A 249 2.29 -19.27 -5.22
CA ALA A 249 0.93 -19.82 -5.39
C ALA A 249 0.87 -20.69 -6.64
N ARG A 250 1.42 -20.16 -7.74
CA ARG A 250 1.28 -20.76 -9.10
C ARG A 250 2.38 -21.81 -9.29
N ALA A 251 3.35 -21.90 -8.37
CA ALA A 251 4.38 -22.96 -8.29
C ALA A 251 5.61 -22.55 -9.11
N HIS B 1 -14.39 -8.16 -23.33
CA HIS B 1 -15.83 -8.58 -23.19
C HIS B 1 -15.92 -9.98 -22.58
N HIS B 2 -15.26 -10.23 -21.43
CA HIS B 2 -15.38 -11.49 -20.67
C HIS B 2 -14.87 -11.28 -19.24
N ASN B 3 -15.52 -11.94 -18.29
CA ASN B 3 -15.09 -11.99 -16.87
C ASN B 3 -13.89 -12.96 -16.81
N LYS B 4 -12.69 -12.48 -16.45
CA LYS B 4 -11.45 -13.28 -16.50
C LYS B 4 -11.57 -14.50 -15.59
N VAL B 5 -12.30 -14.38 -14.48
CA VAL B 5 -12.52 -15.50 -13.53
C VAL B 5 -13.44 -16.54 -14.20
N ARG B 6 -14.53 -16.09 -14.84
CA ARG B 6 -15.44 -17.02 -15.53
C ARG B 6 -14.66 -17.73 -16.65
N THR B 7 -13.79 -17.01 -17.36
CA THR B 7 -12.92 -17.58 -18.42
C THR B 7 -12.08 -18.71 -17.82
N CYS B 8 -11.45 -18.50 -16.66
CA CYS B 8 -10.65 -19.55 -15.98
C CYS B 8 -11.55 -20.77 -15.82
N TRP B 9 -12.70 -20.57 -15.20
CA TRP B 9 -13.67 -21.63 -14.84
C TRP B 9 -14.14 -22.38 -16.10
N ASN B 10 -14.49 -21.66 -17.15
CA ASN B 10 -14.92 -22.29 -18.43
C ASN B 10 -13.78 -23.13 -19.02
N GLU B 11 -12.51 -22.76 -18.79
CA GLU B 11 -11.32 -23.51 -19.26
C GLU B 11 -10.94 -24.58 -18.25
N GLY B 12 -11.69 -24.72 -17.16
CA GLY B 12 -11.48 -25.74 -16.11
C GLY B 12 -10.23 -25.43 -15.29
N ARG B 13 -9.90 -24.14 -15.14
CA ARG B 13 -8.73 -23.66 -14.38
C ARG B 13 -9.22 -22.81 -13.22
N PRO B 14 -8.49 -22.82 -12.09
CA PRO B 14 -8.83 -21.94 -10.97
C PRO B 14 -8.39 -20.51 -11.31
N ALA B 15 -8.95 -19.55 -10.59
CA ALA B 15 -8.55 -18.13 -10.64
C ALA B 15 -7.76 -17.83 -9.37
N LEU B 16 -6.71 -17.03 -9.50
CA LEU B 16 -5.93 -16.49 -8.36
C LEU B 16 -6.21 -14.99 -8.27
N ALA B 17 -6.51 -14.50 -7.07
CA ALA B 17 -6.94 -13.10 -6.89
C ALA B 17 -6.09 -12.43 -5.81
N GLY B 18 -5.84 -11.15 -6.04
CA GLY B 18 -5.30 -10.21 -5.06
C GLY B 18 -6.36 -9.78 -4.07
N TRP B 19 -5.91 -9.11 -3.03
CA TRP B 19 -6.75 -8.71 -1.88
C TRP B 19 -6.22 -7.39 -1.35
N LEU B 20 -7.05 -6.34 -1.41
CA LEU B 20 -6.66 -4.95 -1.09
C LEU B 20 -7.45 -4.47 0.14
N GLN B 21 -6.71 -4.07 1.16
CA GLN B 21 -7.21 -3.38 2.37
C GLN B 21 -6.75 -1.92 2.37
N LEU B 22 -5.80 -1.57 1.52
CA LEU B 22 -5.28 -0.19 1.43
C LEU B 22 -6.04 0.55 0.34
N PRO B 23 -6.60 1.72 0.66
CA PRO B 23 -7.29 2.53 -0.34
C PRO B 23 -6.25 3.12 -1.30
N GLY B 24 -6.65 3.35 -2.55
CA GLY B 24 -5.87 4.13 -3.53
C GLY B 24 -5.75 3.41 -4.84
N THR B 25 -5.44 4.14 -5.90
CA THR B 25 -5.46 3.63 -7.29
C THR B 25 -4.11 3.07 -7.71
N LEU B 26 -2.99 3.53 -7.12
CA LEU B 26 -1.65 3.26 -7.71
C LEU B 26 -1.27 1.79 -7.50
N HIS B 27 -1.41 1.28 -6.28
CA HIS B 27 -1.08 -0.13 -5.97
C HIS B 27 -2.13 -1.05 -6.57
N ALA B 28 -3.38 -0.57 -6.73
CA ALA B 28 -4.49 -1.38 -7.27
C ALA B 28 -4.14 -1.67 -8.73
N GLU B 29 -3.67 -0.66 -9.47
CA GLU B 29 -3.31 -0.84 -10.91
C GLU B 29 -2.07 -1.73 -10.98
N ALA B 30 -1.06 -1.48 -10.13
CA ALA B 30 0.23 -2.17 -10.16
C ALA B 30 0.00 -3.68 -9.93
N LEU B 31 -0.81 -4.05 -8.94
CA LEU B 31 -1.08 -5.47 -8.60
C LEU B 31 -1.98 -6.09 -9.68
N ALA B 32 -2.93 -5.34 -10.23
CA ALA B 32 -3.81 -5.82 -11.32
C ALA B 32 -2.98 -6.22 -12.56
N ARG B 33 -1.85 -5.55 -12.83
CA ARG B 33 -0.95 -5.81 -13.98
C ARG B 33 -0.12 -7.08 -13.75
N LEU B 34 -0.03 -7.55 -12.51
CA LEU B 34 0.67 -8.84 -12.24
C LEU B 34 -0.22 -10.01 -12.68
N ASP B 35 0.27 -11.23 -12.51
CA ASP B 35 -0.42 -12.46 -12.97
C ASP B 35 -1.50 -12.84 -11.95
N TYR B 36 -2.38 -11.88 -11.61
CA TYR B 36 -3.66 -12.10 -10.89
C TYR B 36 -4.76 -12.13 -11.95
N ASP B 37 -5.73 -13.03 -11.82
CA ASP B 37 -6.95 -13.04 -12.66
C ASP B 37 -7.93 -11.97 -12.19
N ALA B 38 -7.96 -11.72 -10.88
CA ALA B 38 -8.91 -10.80 -10.24
C ALA B 38 -8.20 -10.11 -9.10
N VAL B 39 -8.70 -8.94 -8.71
CA VAL B 39 -8.23 -8.27 -7.46
C VAL B 39 -9.47 -7.94 -6.65
N VAL B 40 -9.50 -8.37 -5.38
CA VAL B 40 -10.62 -8.18 -4.44
C VAL B 40 -10.34 -6.94 -3.61
N ILE B 41 -11.25 -5.99 -3.65
CA ILE B 41 -11.20 -4.85 -2.69
C ILE B 41 -12.03 -5.23 -1.47
N ASP B 42 -11.38 -5.24 -0.31
CA ASP B 42 -12.01 -5.59 0.99
C ASP B 42 -12.65 -4.33 1.57
N MET B 43 -13.98 -4.24 1.52
CA MET B 43 -14.74 -3.12 2.12
C MET B 43 -15.19 -3.45 3.55
N GLN B 44 -14.88 -4.64 4.08
CA GLN B 44 -15.30 -5.08 5.44
C GLN B 44 -14.16 -4.78 6.41
N ALA B 45 -13.05 -5.50 6.28
CA ALA B 45 -11.92 -5.49 7.24
C ALA B 45 -10.84 -4.47 6.81
N SER B 46 -11.25 -3.20 6.65
CA SER B 46 -10.47 -2.11 5.99
C SER B 46 -11.16 -0.77 6.19
N PRO B 47 -10.46 0.37 5.96
CA PRO B 47 -11.08 1.68 6.02
C PRO B 47 -11.60 2.15 4.66
N ILE B 48 -11.76 1.23 3.68
CA ILE B 48 -12.16 1.56 2.28
C ILE B 48 -13.69 1.76 2.26
N ASP B 49 -14.13 2.98 1.90
CA ASP B 49 -15.55 3.40 1.82
C ASP B 49 -15.96 3.49 0.35
N PHE B 50 -17.19 3.90 0.08
CA PHE B 50 -17.69 3.84 -1.30
C PHE B 50 -16.90 4.82 -2.19
N GLY B 51 -16.66 6.04 -1.70
CA GLY B 51 -15.90 7.05 -2.47
C GLY B 51 -14.51 6.57 -2.92
N GLN B 52 -13.83 5.73 -2.16
CA GLN B 52 -12.44 5.32 -2.49
C GLN B 52 -12.47 4.08 -3.39
N VAL B 53 -13.51 3.26 -3.26
CA VAL B 53 -13.60 1.97 -4.01
C VAL B 53 -13.87 2.27 -5.50
N ALA B 54 -14.65 3.30 -5.81
CA ALA B 54 -15.07 3.62 -7.19
C ALA B 54 -13.87 3.77 -8.14
N PRO B 55 -12.89 4.66 -7.87
CA PRO B 55 -11.69 4.74 -8.70
C PRO B 55 -10.76 3.51 -8.68
N MET B 56 -10.74 2.78 -7.57
CA MET B 56 -9.97 1.51 -7.45
C MET B 56 -10.50 0.47 -8.45
N LEU B 57 -11.83 0.44 -8.67
CA LEU B 57 -12.44 -0.52 -9.63
C LEU B 57 -11.87 -0.21 -11.01
N ILE B 58 -11.84 1.07 -11.36
CA ILE B 58 -11.28 1.55 -12.67
C ILE B 58 -9.82 1.13 -12.84
N ALA B 59 -8.99 1.36 -11.81
CA ALA B 59 -7.54 1.08 -11.78
C ALA B 59 -7.30 -0.41 -12.00
N ILE B 60 -8.11 -1.27 -11.36
CA ILE B 60 -7.98 -2.75 -11.47
C ILE B 60 -8.32 -3.16 -12.90
N GLU B 61 -9.41 -2.65 -13.45
CA GLU B 61 -9.84 -3.00 -14.82
C GLU B 61 -8.74 -2.57 -15.80
N LEU B 62 -8.21 -1.34 -15.65
CA LEU B 62 -7.17 -0.84 -16.57
C LEU B 62 -5.91 -1.71 -16.47
N GLY B 63 -5.56 -2.13 -15.25
CA GLY B 63 -4.43 -3.03 -14.97
C GLY B 63 -4.58 -4.40 -15.61
N GLY B 64 -5.80 -4.81 -15.96
CA GLY B 64 -6.08 -6.09 -16.64
C GLY B 64 -6.30 -7.23 -15.65
N ALA B 65 -7.02 -6.96 -14.55
CA ALA B 65 -7.59 -8.01 -13.68
C ALA B 65 -9.08 -7.71 -13.50
N GLU B 66 -9.83 -8.73 -13.11
CA GLU B 66 -11.28 -8.62 -12.84
C GLU B 66 -11.44 -7.94 -11.48
N PRO B 67 -12.09 -6.76 -11.43
CA PRO B 67 -12.35 -6.10 -10.15
C PRO B 67 -13.48 -6.81 -9.37
N PHE B 68 -13.14 -7.27 -8.17
CA PHE B 68 -14.02 -7.96 -7.22
C PHE B 68 -14.12 -7.08 -5.98
N VAL B 69 -15.18 -7.27 -5.22
CA VAL B 69 -15.36 -6.59 -3.91
C VAL B 69 -15.89 -7.60 -2.88
N ARG B 70 -15.26 -7.62 -1.71
CA ARG B 70 -15.80 -8.27 -0.50
C ARG B 70 -16.57 -7.17 0.24
N THR B 71 -17.89 -7.28 0.26
CA THR B 71 -18.75 -6.19 0.75
C THR B 71 -18.66 -6.18 2.27
N GLN B 72 -18.98 -5.03 2.85
CA GLN B 72 -19.07 -4.84 4.30
C GLN B 72 -20.15 -5.80 4.85
N VAL B 73 -21.23 -5.97 4.08
CA VAL B 73 -22.45 -6.70 4.53
C VAL B 73 -23.18 -7.20 3.27
N ASN B 74 -23.95 -8.27 3.46
CA ASN B 74 -24.79 -8.91 2.43
C ASN B 74 -26.08 -8.09 2.34
N ASP B 75 -25.97 -6.88 1.81
CA ASP B 75 -27.09 -5.94 1.64
C ASP B 75 -27.30 -5.73 0.14
N PRO B 76 -28.50 -6.00 -0.40
CA PRO B 76 -28.72 -5.87 -1.85
C PRO B 76 -28.38 -4.48 -2.38
N SER B 77 -28.83 -3.41 -1.72
CA SER B 77 -28.61 -2.04 -2.25
C SER B 77 -27.10 -1.74 -2.33
N ASP B 78 -26.29 -2.11 -1.34
CA ASP B 78 -24.81 -1.91 -1.39
C ASP B 78 -24.22 -2.67 -2.57
N ILE B 79 -24.63 -3.93 -2.73
CA ILE B 79 -24.10 -4.81 -3.81
C ILE B 79 -24.45 -4.22 -5.18
N MET B 80 -25.70 -3.81 -5.39
CA MET B 80 -26.14 -3.29 -6.71
C MET B 80 -25.38 -2.02 -7.07
N LYS B 81 -25.14 -1.14 -6.10
CA LYS B 81 -24.38 0.12 -6.31
C LYS B 81 -22.94 -0.20 -6.72
N LEU B 82 -22.32 -1.22 -6.11
CA LEU B 82 -20.97 -1.67 -6.53
C LEU B 82 -21.03 -2.25 -7.94
N LEU B 83 -22.06 -3.04 -8.29
CA LEU B 83 -22.14 -3.65 -9.63
C LEU B 83 -22.19 -2.51 -10.66
N ASP B 84 -22.89 -1.44 -10.34
CA ASP B 84 -23.08 -0.32 -11.32
C ASP B 84 -21.81 0.55 -11.38
N ALA B 85 -20.93 0.49 -10.36
CA ALA B 85 -19.62 1.19 -10.36
C ALA B 85 -18.56 0.30 -11.03
N GLY B 86 -18.90 -0.92 -11.41
CA GLY B 86 -18.06 -1.85 -12.20
C GLY B 86 -17.34 -2.88 -11.36
N ALA B 87 -17.92 -3.33 -10.23
CA ALA B 87 -17.55 -4.60 -9.58
C ALA B 87 -18.11 -5.74 -10.44
N TYR B 88 -17.26 -6.66 -10.87
CA TYR B 88 -17.65 -7.84 -11.68
C TYR B 88 -17.58 -9.11 -10.84
N GLY B 89 -17.21 -8.97 -9.56
CA GLY B 89 -17.36 -10.09 -8.62
C GLY B 89 -17.75 -9.56 -7.28
N ILE B 90 -18.58 -10.31 -6.57
CA ILE B 90 -19.06 -9.94 -5.21
C ILE B 90 -18.80 -11.11 -4.29
N ILE B 91 -18.13 -10.85 -3.16
CA ILE B 91 -18.04 -11.79 -2.02
C ILE B 91 -18.86 -11.16 -0.87
N ALA B 92 -19.95 -11.80 -0.48
CA ALA B 92 -20.87 -11.31 0.57
C ALA B 92 -20.55 -12.00 1.89
N PRO B 93 -20.23 -11.24 2.97
CA PRO B 93 -19.93 -11.84 4.27
C PRO B 93 -21.15 -12.38 5.01
N MET B 94 -20.88 -13.35 5.89
CA MET B 94 -21.84 -13.85 6.90
CA MET B 94 -21.84 -13.85 6.91
C MET B 94 -23.11 -14.34 6.21
N VAL B 95 -22.96 -15.16 5.16
CA VAL B 95 -24.13 -15.85 4.55
C VAL B 95 -24.30 -17.17 5.29
N ASN B 96 -25.30 -17.25 6.17
CA ASN B 96 -25.41 -18.34 7.17
C ASN B 96 -26.58 -19.28 6.83
N THR B 97 -27.51 -18.84 5.98
CA THR B 97 -28.75 -19.57 5.64
C THR B 97 -29.09 -19.45 4.16
N ARG B 98 -29.97 -20.33 3.69
CA ARG B 98 -30.45 -20.34 2.29
CA ARG B 98 -30.45 -20.34 2.29
C ARG B 98 -31.08 -18.98 1.98
N ALA B 99 -31.85 -18.43 2.91
CA ALA B 99 -32.55 -17.14 2.70
C ALA B 99 -31.51 -16.02 2.50
N GLU B 100 -30.41 -16.02 3.28
CA GLU B 100 -29.36 -14.97 3.11
C GLU B 100 -28.70 -15.18 1.74
N ALA B 101 -28.56 -16.42 1.31
CA ALA B 101 -27.99 -16.79 0.00
C ALA B 101 -28.92 -16.30 -1.12
N GLN B 102 -30.22 -16.48 -0.93
CA GLN B 102 -31.27 -15.95 -1.86
C GLN B 102 -31.18 -14.41 -1.95
N THR B 103 -30.99 -13.71 -0.84
CA THR B 103 -30.79 -12.24 -0.76
C THR B 103 -29.60 -11.82 -1.61
N LEU B 104 -28.45 -12.49 -1.46
CA LEU B 104 -27.26 -12.25 -2.33
C LEU B 104 -27.66 -12.45 -3.80
N ALA B 105 -28.30 -13.57 -4.12
CA ALA B 105 -28.66 -13.93 -5.51
C ALA B 105 -29.56 -12.83 -6.11
N SER B 106 -30.49 -12.32 -5.33
CA SER B 106 -31.47 -11.29 -5.75
C SER B 106 -30.73 -10.04 -6.27
N ALA B 107 -29.62 -9.69 -5.65
CA ALA B 107 -28.83 -8.46 -5.91
C ALA B 107 -27.96 -8.62 -7.16
N LEU B 108 -27.75 -9.84 -7.64
CA LEU B 108 -26.72 -10.09 -8.66
C LEU B 108 -27.36 -10.13 -10.04
N HIS B 109 -28.69 -10.27 -10.12
CA HIS B 109 -29.38 -10.66 -11.38
C HIS B 109 -30.50 -9.69 -11.70
N TYR B 110 -30.68 -9.38 -12.97
CA TYR B 110 -31.66 -8.36 -13.41
C TYR B 110 -33.07 -8.81 -13.06
N SER B 111 -33.87 -7.84 -12.63
CA SER B 111 -35.34 -7.98 -12.55
C SER B 111 -35.77 -8.63 -13.86
N PRO B 112 -36.83 -9.48 -13.86
CA PRO B 112 -37.57 -9.82 -12.64
C PRO B 112 -36.99 -11.01 -11.86
N ARG B 113 -36.04 -11.75 -12.47
CA ARG B 113 -35.36 -12.95 -11.89
C ARG B 113 -34.67 -12.54 -10.57
N GLY B 114 -33.61 -11.73 -10.65
CA GLY B 114 -33.16 -10.95 -9.49
C GLY B 114 -34.01 -9.72 -9.35
N LEU B 115 -33.61 -8.78 -8.51
CA LEU B 115 -34.27 -7.46 -8.39
C LEU B 115 -33.24 -6.40 -8.74
N ARG B 116 -32.15 -6.79 -9.42
CA ARG B 116 -31.11 -5.82 -9.82
C ARG B 116 -31.81 -4.70 -10.59
N SER B 117 -31.99 -3.57 -9.90
CA SER B 117 -32.41 -2.29 -10.51
C SER B 117 -31.47 -2.02 -11.69
N PHE B 118 -32.00 -1.45 -12.76
CA PHE B 118 -31.27 -1.21 -14.02
C PHE B 118 -30.69 0.20 -14.01
N GLY B 119 -29.38 0.29 -14.27
CA GLY B 119 -28.63 1.55 -14.38
C GLY B 119 -27.14 1.26 -14.44
N PRO B 120 -26.69 0.49 -15.46
CA PRO B 120 -25.33 -0.05 -15.50
C PRO B 120 -24.36 0.94 -16.16
N ARG B 121 -24.11 2.05 -15.45
CA ARG B 121 -23.23 3.17 -15.90
C ARG B 121 -21.96 2.55 -16.49
N ARG B 122 -21.18 1.81 -15.69
CA ARG B 122 -19.82 1.38 -16.10
C ARG B 122 -19.87 0.06 -16.87
N PRO B 123 -20.61 -0.99 -16.42
CA PRO B 123 -20.73 -2.22 -17.21
C PRO B 123 -21.15 -2.01 -18.68
N SER B 124 -22.13 -1.12 -18.94
CA SER B 124 -22.62 -0.84 -20.33
C SER B 124 -21.52 -0.14 -21.14
N LEU B 125 -20.65 0.65 -20.48
CA LEU B 125 -19.44 1.26 -21.10
C LEU B 125 -18.41 0.17 -21.45
N ARG B 126 -18.22 -0.84 -20.58
CA ARG B 126 -17.22 -1.91 -20.84
C ARG B 126 -17.73 -2.89 -21.90
N TYR B 127 -18.97 -3.36 -21.75
CA TYR B 127 -19.52 -4.50 -22.53
C TYR B 127 -20.21 -3.98 -23.79
N GLY B 128 -20.54 -2.68 -23.79
CA GLY B 128 -21.17 -2.02 -24.95
C GLY B 128 -22.62 -2.44 -25.05
N SER B 129 -23.10 -2.64 -26.29
CA SER B 129 -24.53 -2.85 -26.62
C SER B 129 -24.91 -4.31 -26.34
N GLY B 130 -23.93 -5.20 -26.22
CA GLY B 130 -24.11 -6.64 -25.96
C GLY B 130 -24.32 -6.97 -24.49
N TYR B 131 -24.15 -5.99 -23.60
CA TYR B 131 -24.12 -6.18 -22.13
C TYR B 131 -25.38 -6.89 -21.60
N LEU B 132 -26.56 -6.30 -21.78
CA LEU B 132 -27.84 -6.73 -21.14
C LEU B 132 -28.09 -8.22 -21.41
N ALA B 133 -27.85 -8.68 -22.64
CA ALA B 133 -28.09 -10.06 -23.12
C ALA B 133 -27.21 -11.06 -22.36
N GLN B 134 -26.01 -10.66 -21.88
CA GLN B 134 -25.01 -11.57 -21.24
C GLN B 134 -24.67 -11.10 -19.81
N ALA B 135 -25.46 -10.18 -19.21
CA ALA B 135 -25.12 -9.42 -17.99
C ALA B 135 -24.84 -10.35 -16.80
N SER B 136 -25.58 -11.45 -16.65
CA SER B 136 -25.43 -12.41 -15.52
C SER B 136 -24.07 -13.10 -15.60
N GLU B 137 -23.64 -13.45 -16.82
CA GLU B 137 -22.32 -14.04 -17.16
C GLU B 137 -21.19 -13.06 -16.82
N THR B 138 -21.45 -11.76 -16.79
CA THR B 138 -20.39 -10.75 -16.57
C THR B 138 -20.02 -10.71 -15.08
N VAL B 139 -20.88 -11.21 -14.18
CA VAL B 139 -20.74 -11.02 -12.69
C VAL B 139 -20.56 -12.39 -12.01
N VAL B 140 -19.67 -12.46 -11.03
CA VAL B 140 -19.49 -13.69 -10.21
C VAL B 140 -19.95 -13.35 -8.79
N GLY B 141 -20.76 -14.22 -8.18
CA GLY B 141 -21.26 -14.06 -6.81
C GLY B 141 -20.84 -15.23 -5.94
N LEU B 142 -20.16 -14.97 -4.82
CA LEU B 142 -19.76 -16.00 -3.84
C LEU B 142 -20.32 -15.64 -2.45
N ALA B 143 -20.98 -16.60 -1.82
CA ALA B 143 -21.51 -16.48 -0.45
C ALA B 143 -20.39 -16.86 0.51
N MET B 144 -20.05 -15.99 1.45
CA MET B 144 -18.97 -16.25 2.41
C MET B 144 -19.48 -17.22 3.47
N ILE B 145 -18.72 -18.29 3.71
CA ILE B 145 -18.94 -19.30 4.78
C ILE B 145 -17.90 -19.06 5.87
N GLU B 146 -18.33 -18.56 7.02
CA GLU B 146 -17.39 -18.18 8.11
C GLU B 146 -18.03 -18.42 9.49
N THR B 147 -19.09 -19.23 9.58
CA THR B 147 -19.77 -19.54 10.87
C THR B 147 -20.06 -21.03 10.96
N ARG B 148 -20.27 -21.49 12.19
CA ARG B 148 -20.89 -22.81 12.49
C ARG B 148 -22.20 -22.97 11.71
N GLU B 149 -23.03 -21.93 11.74
CA GLU B 149 -24.39 -21.93 11.14
C GLU B 149 -24.29 -22.19 9.62
N ALA B 150 -23.44 -21.42 8.93
CA ALA B 150 -23.21 -21.54 7.47
C ALA B 150 -22.72 -22.96 7.17
N LEU B 151 -21.84 -23.48 8.02
CA LEU B 151 -21.31 -24.84 7.85
C LEU B 151 -22.45 -25.88 7.91
N ALA B 152 -23.32 -25.81 8.92
CA ALA B 152 -24.52 -26.70 9.07
C ALA B 152 -25.47 -26.55 7.87
N ASN B 153 -25.57 -25.35 7.29
CA ASN B 153 -26.56 -25.00 6.24
C ASN B 153 -25.93 -25.04 4.83
N ILE B 154 -24.72 -25.59 4.69
CA ILE B 154 -23.92 -25.46 3.43
C ILE B 154 -24.76 -25.98 2.24
N ASP B 155 -25.43 -27.12 2.39
CA ASP B 155 -26.22 -27.73 1.28
C ASP B 155 -27.38 -26.80 0.90
N GLU B 156 -28.08 -26.18 1.86
CA GLU B 156 -29.23 -25.30 1.52
C GLU B 156 -28.68 -24.01 0.89
N ILE B 157 -27.54 -23.51 1.37
CA ILE B 157 -26.86 -22.33 0.74
C ILE B 157 -26.49 -22.67 -0.70
N LEU B 158 -25.91 -23.83 -0.95
CA LEU B 158 -25.42 -24.24 -2.29
C LEU B 158 -26.58 -24.52 -3.24
N SER B 159 -27.78 -24.79 -2.72
CA SER B 159 -29.00 -25.08 -3.52
C SER B 159 -29.50 -23.83 -4.26
N VAL B 160 -29.02 -22.64 -3.91
CA VAL B 160 -29.56 -21.36 -4.46
C VAL B 160 -29.00 -21.17 -5.87
N ASP B 161 -29.87 -21.14 -6.89
N ASP B 161 -29.84 -21.28 -6.90
CA ASP B 161 -29.49 -21.15 -8.34
CA ASP B 161 -29.43 -20.93 -8.28
C ASP B 161 -28.50 -20.02 -8.70
C ASP B 161 -29.24 -19.41 -8.31
N GLY B 162 -28.75 -18.80 -8.23
N GLY B 162 -28.24 -18.93 -9.06
CA GLY B 162 -28.18 -17.56 -8.78
CA GLY B 162 -27.93 -17.50 -9.09
C GLY B 162 -26.85 -17.14 -8.15
C GLY B 162 -26.77 -17.10 -8.19
N ILE B 163 -26.26 -17.98 -7.31
CA ILE B 163 -24.88 -17.78 -6.76
C ILE B 163 -23.97 -18.78 -7.45
N ASP B 164 -22.72 -18.40 -7.72
CA ASP B 164 -21.70 -19.24 -8.40
C ASP B 164 -21.14 -20.25 -7.42
N GLY B 165 -21.23 -19.96 -6.12
CA GLY B 165 -20.73 -20.86 -5.07
C GLY B 165 -20.41 -20.09 -3.82
N VAL B 166 -19.39 -20.53 -3.10
CA VAL B 166 -19.13 -20.07 -1.72
C VAL B 166 -17.64 -19.70 -1.60
N PHE B 167 -17.31 -18.90 -0.59
CA PHE B 167 -15.97 -18.39 -0.30
C PHE B 167 -15.72 -18.60 1.19
N ILE B 168 -14.69 -19.38 1.51
CA ILE B 168 -14.34 -19.71 2.90
C ILE B 168 -13.38 -18.65 3.47
N GLY B 169 -13.71 -18.17 4.67
CA GLY B 169 -12.83 -17.39 5.55
C GLY B 169 -12.28 -18.29 6.66
N PRO B 170 -11.10 -18.92 6.46
CA PRO B 170 -10.61 -19.94 7.39
C PRO B 170 -10.39 -19.40 8.82
N THR B 171 -9.79 -18.21 8.97
CA THR B 171 -9.59 -17.58 10.30
C THR B 171 -10.95 -17.24 10.97
N ASP B 172 -11.87 -16.62 10.23
CA ASP B 172 -13.22 -16.27 10.72
C ASP B 172 -13.93 -17.57 11.18
N LEU B 173 -13.81 -18.65 10.41
CA LEU B 173 -14.46 -19.96 10.73
C LEU B 173 -13.78 -20.63 11.94
N ALA B 174 -12.45 -20.59 11.99
CA ALA B 174 -11.67 -21.10 13.15
C ALA B 174 -12.20 -20.44 14.44
N LEU B 175 -12.31 -19.12 14.42
CA LEU B 175 -12.74 -18.33 15.59
C LEU B 175 -14.17 -18.72 15.95
N ASP B 176 -15.08 -18.87 14.99
CA ASP B 176 -16.49 -19.19 15.31
C ASP B 176 -16.60 -20.62 15.82
N LEU B 177 -15.68 -21.51 15.42
CA LEU B 177 -15.61 -22.91 15.92
C LEU B 177 -14.92 -23.00 17.29
N GLY B 178 -14.48 -21.89 17.89
CA GLY B 178 -13.86 -21.85 19.22
C GLY B 178 -12.34 -22.07 19.19
N HIS B 179 -11.68 -21.85 18.05
CA HIS B 179 -10.20 -22.02 17.93
C HIS B 179 -9.48 -20.67 17.82
N ALA B 180 -8.15 -20.70 17.81
CA ALA B 180 -7.28 -19.52 17.65
C ALA B 180 -7.50 -18.92 16.27
N PRO B 181 -7.57 -17.58 16.14
CA PRO B 181 -7.72 -16.95 14.83
C PRO B 181 -6.34 -16.88 14.15
N LEU B 182 -5.75 -18.05 13.84
CA LEU B 182 -4.41 -18.17 13.19
C LEU B 182 -4.55 -17.88 11.69
N VAL B 183 -3.65 -17.05 11.14
CA VAL B 183 -3.57 -16.83 9.67
CA VAL B 183 -3.57 -16.84 9.67
C VAL B 183 -3.28 -18.19 9.04
N ASP B 184 -4.04 -18.58 8.02
CA ASP B 184 -3.83 -19.86 7.28
C ASP B 184 -3.83 -21.02 8.27
N THR B 185 -4.78 -21.01 9.20
CA THR B 185 -4.99 -22.05 10.24
C THR B 185 -4.98 -23.46 9.61
N GLU B 186 -4.34 -24.41 10.28
CA GLU B 186 -4.47 -25.85 9.95
C GLU B 186 -4.99 -26.61 11.19
N GLU B 187 -5.75 -25.94 12.04
CA GLU B 187 -6.43 -26.55 13.22
C GLU B 187 -7.33 -27.67 12.69
N ALA B 188 -7.17 -28.90 13.17
CA ALA B 188 -7.74 -30.12 12.54
C ALA B 188 -9.25 -29.99 12.31
N GLU B 189 -10.03 -29.51 13.30
CA GLU B 189 -11.50 -29.40 13.18
C GLU B 189 -11.86 -28.39 12.07
N VAL B 190 -11.09 -27.32 11.91
CA VAL B 190 -11.29 -26.29 10.85
C VAL B 190 -10.91 -26.86 9.47
N VAL B 191 -9.78 -27.57 9.42
CA VAL B 191 -9.32 -28.29 8.20
C VAL B 191 -10.45 -29.20 7.71
N SER B 192 -11.06 -29.95 8.63
CA SER B 192 -12.18 -30.90 8.36
C SER B 192 -13.43 -30.15 7.85
N ALA B 193 -13.83 -29.07 8.50
CA ALA B 193 -14.98 -28.25 8.07
C ALA B 193 -14.73 -27.70 6.67
N ILE B 194 -13.53 -27.19 6.42
CA ILE B 194 -13.16 -26.62 5.09
C ILE B 194 -13.26 -27.70 4.02
N ALA B 195 -12.71 -28.89 4.29
CA ALA B 195 -12.74 -30.00 3.30
C ALA B 195 -14.20 -30.38 3.02
N HIS B 196 -15.07 -30.35 4.03
CA HIS B 196 -16.51 -30.68 3.90
C HIS B 196 -17.19 -29.67 2.98
N VAL B 197 -16.86 -28.40 3.16
CA VAL B 197 -17.48 -27.30 2.36
C VAL B 197 -17.07 -27.47 0.89
N ARG B 198 -15.78 -27.71 0.64
CA ARG B 198 -15.26 -27.92 -0.74
C ARG B 198 -15.96 -29.13 -1.38
N GLU B 199 -16.05 -30.26 -0.66
CA GLU B 199 -16.73 -31.49 -1.15
C GLU B 199 -18.19 -31.16 -1.50
N ARG B 200 -18.93 -30.52 -0.61
CA ARG B 200 -20.38 -30.25 -0.82
C ARG B 200 -20.56 -29.27 -1.98
N ALA B 201 -19.66 -28.29 -2.16
CA ALA B 201 -19.75 -27.32 -3.28
C ALA B 201 -19.58 -28.04 -4.62
N HIS B 202 -18.55 -28.85 -4.74
CA HIS B 202 -18.27 -29.63 -5.97
C HIS B 202 -19.38 -30.65 -6.16
N ALA B 203 -19.94 -31.21 -5.09
CA ALA B 203 -21.07 -32.17 -5.18
C ALA B 203 -22.29 -31.47 -5.79
N ALA B 204 -22.51 -30.18 -5.51
CA ALA B 204 -23.66 -29.39 -6.00
C ALA B 204 -23.39 -28.74 -7.38
N GLY B 205 -22.24 -29.00 -8.00
CA GLY B 205 -21.80 -28.38 -9.27
C GLY B 205 -21.55 -26.88 -9.13
N LYS B 206 -21.04 -26.44 -7.98
CA LYS B 206 -20.83 -25.01 -7.64
C LYS B 206 -19.35 -24.79 -7.36
N ARG B 207 -18.92 -23.55 -7.32
CA ARG B 207 -17.50 -23.19 -7.17
C ARG B 207 -17.23 -22.97 -5.69
N VAL B 208 -15.98 -23.19 -5.26
CA VAL B 208 -15.59 -22.91 -3.87
C VAL B 208 -14.30 -22.07 -3.91
N GLY B 209 -14.28 -20.97 -3.17
CA GLY B 209 -13.10 -20.12 -3.04
C GLY B 209 -12.65 -20.06 -1.61
N ILE B 210 -11.47 -19.51 -1.38
CA ILE B 210 -10.84 -19.47 -0.05
C ILE B 210 -9.83 -18.33 0.02
N PHE B 211 -9.79 -17.70 1.20
CA PHE B 211 -8.90 -16.60 1.56
C PHE B 211 -7.61 -17.21 2.10
N CYS B 212 -6.47 -16.76 1.58
CA CYS B 212 -5.13 -17.19 2.02
C CYS B 212 -4.31 -15.98 2.43
N GLY B 213 -3.50 -16.13 3.49
CA GLY B 213 -2.60 -15.08 3.96
C GLY B 213 -1.21 -15.23 3.42
N SER B 214 -0.98 -16.16 2.50
CA SER B 214 0.38 -16.46 2.00
C SER B 214 0.28 -17.14 0.65
N GLY B 215 1.35 -17.05 -0.15
CA GLY B 215 1.48 -17.81 -1.41
C GLY B 215 1.53 -19.31 -1.15
N GLY B 216 2.21 -19.73 -0.07
CA GLY B 216 2.35 -21.15 0.30
C GLY B 216 1.03 -21.84 0.59
N PHE B 217 0.15 -21.21 1.37
CA PHE B 217 -1.18 -21.75 1.69
C PHE B 217 -2.02 -21.78 0.42
N ALA B 218 -1.96 -20.71 -0.40
CA ALA B 218 -2.70 -20.59 -1.68
C ALA B 218 -2.28 -21.73 -2.61
N ARG B 219 -0.98 -22.04 -2.67
CA ARG B 219 -0.46 -23.17 -3.52
C ARG B 219 -1.15 -24.49 -3.12
N VAL B 220 -1.31 -24.72 -1.83
CA VAL B 220 -1.96 -25.96 -1.30
C VAL B 220 -3.44 -25.93 -1.66
N LYS B 221 -4.11 -24.78 -1.49
CA LYS B 221 -5.56 -24.71 -1.80
C LYS B 221 -5.78 -24.96 -3.30
N LEU B 222 -4.92 -24.40 -4.15
CA LEU B 222 -4.99 -24.63 -5.62
C LEU B 222 -4.83 -26.13 -5.87
N ALA B 223 -3.86 -26.79 -5.22
CA ALA B 223 -3.63 -28.26 -5.38
C ALA B 223 -4.84 -29.08 -4.87
N GLU B 224 -5.56 -28.58 -3.86
CA GLU B 224 -6.75 -29.25 -3.28
C GLU B 224 -7.99 -29.06 -4.18
N GLY B 225 -7.90 -28.25 -5.24
CA GLY B 225 -8.96 -28.10 -6.24
C GLY B 225 -9.89 -26.94 -5.95
N PHE B 226 -9.51 -25.98 -5.11
CA PHE B 226 -10.30 -24.72 -4.92
C PHE B 226 -10.34 -23.95 -6.24
N ASP B 227 -11.49 -23.33 -6.53
CA ASP B 227 -11.74 -22.69 -7.86
C ASP B 227 -11.30 -21.22 -7.84
N PHE B 228 -11.22 -20.61 -6.67
CA PHE B 228 -10.94 -19.17 -6.54
C PHE B 228 -10.13 -19.01 -5.28
N VAL B 229 -8.87 -18.59 -5.41
CA VAL B 229 -7.94 -18.51 -4.26
C VAL B 229 -7.37 -17.10 -4.23
N THR B 230 -7.51 -16.43 -3.09
CA THR B 230 -6.96 -15.06 -2.90
C THR B 230 -5.65 -15.16 -2.13
N ALA B 231 -4.62 -14.42 -2.52
CA ALA B 231 -3.35 -14.31 -1.77
C ALA B 231 -2.57 -13.09 -2.26
N ALA B 232 -2.07 -12.24 -1.35
CA ALA B 232 -2.38 -12.17 0.06
C ALA B 232 -2.67 -10.70 0.30
N PRO B 233 -3.22 -10.28 1.47
CA PRO B 233 -3.61 -8.87 1.66
C PRO B 233 -2.42 -7.91 1.44
N ASP B 234 -2.66 -6.81 0.72
CA ASP B 234 -1.63 -5.78 0.41
C ASP B 234 -0.96 -5.30 1.71
N LEU B 235 -1.73 -5.00 2.75
CA LEU B 235 -1.15 -4.50 4.03
C LEU B 235 -0.21 -5.55 4.63
N ALA B 236 -0.61 -6.82 4.61
CA ALA B 236 0.16 -7.95 5.20
C ALA B 236 1.45 -8.13 4.40
N MET B 237 1.36 -8.17 3.08
CA MET B 237 2.53 -8.32 2.19
C MET B 237 3.49 -7.12 2.35
N LEU B 238 2.96 -5.90 2.41
CA LEU B 238 3.79 -4.67 2.56
C LEU B 238 4.46 -4.67 3.94
N SER B 239 3.75 -5.00 5.02
CA SER B 239 4.32 -5.01 6.40
C SER B 239 5.44 -6.04 6.48
N ALA B 240 5.22 -7.22 5.95
CA ALA B 240 6.24 -8.30 5.94
C ALA B 240 7.45 -7.84 5.11
N ALA B 241 7.23 -7.24 3.94
CA ALA B 241 8.32 -6.77 3.06
C ALA B 241 9.17 -5.72 3.80
N ALA B 242 8.52 -4.73 4.43
CA ALA B 242 9.24 -3.66 5.14
C ALA B 242 10.03 -4.26 6.31
N ARG B 243 9.42 -5.19 7.04
CA ARG B 243 10.11 -5.86 8.18
C ARG B 243 11.40 -6.54 7.66
N GLN B 244 11.35 -7.15 6.48
CA GLN B 244 12.50 -7.92 5.95
C GLN B 244 13.59 -6.93 5.50
N VAL B 245 13.20 -5.84 4.85
CA VAL B 245 14.15 -4.76 4.39
C VAL B 245 14.89 -4.20 5.60
N ILE B 246 14.17 -3.82 6.66
CA ILE B 246 14.75 -3.26 7.92
C ILE B 246 15.74 -4.27 8.51
N ALA B 247 15.37 -5.55 8.64
CA ALA B 247 16.26 -6.58 9.22
C ALA B 247 17.54 -6.69 8.37
N ASP B 248 17.43 -6.66 7.05
CA ASP B 248 18.62 -6.75 6.15
C ASP B 248 19.45 -5.47 6.30
N ALA B 249 18.81 -4.28 6.38
CA ALA B 249 19.50 -2.98 6.55
C ALA B 249 20.30 -2.95 7.87
N ARG B 250 19.71 -3.49 8.94
CA ARG B 250 20.20 -3.38 10.34
C ARG B 250 21.11 -4.58 10.71
N ALA B 251 21.30 -5.54 9.82
CA ALA B 251 22.04 -6.79 10.10
C ALA B 251 23.54 -6.52 10.28
N LEU B 252 24.20 -7.27 11.17
CA LEU B 252 25.69 -7.28 11.26
C LEU B 252 26.22 -7.80 9.92
MG MG C . 14.21 13.59 -8.03
K K D . 9.36 3.09 14.89
BR BR E . 16.54 9.21 -6.69
BR BR F . 13.23 1.80 -5.66
BR BR G . 26.21 28.03 -6.18
BR BR H . 10.82 -4.12 12.44
C1 PEG I . -17.90 -30.58 9.64
C1 PEG I . -18.15 -31.04 9.45
O1 PEG I . -16.70 -31.33 9.61
O1 PEG I . -17.39 -31.98 8.71
C2 PEG I . -19.12 -31.46 9.56
C2 PEG I . -19.62 -31.22 9.22
O2 PEG I . -19.93 -31.25 10.72
O2 PEG I . -19.92 -32.60 9.03
H11 PEG I . -17.92 -29.96 8.89
H11 PEG I . -17.90 -30.14 9.18
H12 PEG I . -17.93 -30.06 10.47
H12 PEG I . -17.95 -31.15 10.40
HO1 PEG I . -16.29 -31.54 9.44
HO1 PEG I . -16.39 -31.68 9.15
H21 PEG I . -18.85 -32.40 9.50
H21 PEG I . -19.91 -30.71 8.44
H22 PEG I . -19.64 -31.23 8.76
H22 PEG I . -20.11 -30.89 10.00
MG MG J . -15.89 -11.93 8.40
K K K . -3.55 -9.42 -14.55
K K L . -16.12 9.48 1.32
BR BR M . -10.37 -15.50 7.04
BR BR N . 3.39 -11.63 -11.50
#